data_2BN7
#
_entry.id   2BN7
#
_cell.length_a   139.695
_cell.length_b   139.695
_cell.length_c   230.674
_cell.angle_alpha   90.00
_cell.angle_beta   90.00
_cell.angle_gamma   90.00
#
_symmetry.space_group_name_H-M   'I 41 2 2'
#
loop_
_entity.id
_entity.type
_entity.pdbx_description
1 polymer 'XAA-PRO AMINOPEPTIDASE'
2 non-polymer PROLINE
3 non-polymer LEUCINE
4 non-polymer 'MANGANESE (II) ION'
5 non-polymer 'MAGNESIUM ION'
6 non-polymer 'CITRATE ANION'
7 non-polymer 'ZINC ION'
8 water water
#
_entity_poly.entity_id   1
_entity_poly.type   'polypeptide(L)'
_entity_poly.pdbx_seq_one_letter_code
;SEISRQEFQRRRQALVEQMQPGSAALIFAAPEVTRSADSEYPYRQNSDFWYFTGFNEPEAVLVLIKSDDTHNHSVLFNRV
RDLTAEIWFGRRLGQDAAPEKLGVDRALAFSEINQQLYQLLNGLDVVYHAQGEYAYADVIVNSALEKLRKGSRQNLTAPA
TMIDWRPVVHEMRLFKSPEEIAVLRRAGEITAMAHTRAMEKCRPGMFEYHLEGEIHHEFNRHGARYPSYNTIVGSGENGC
ILHYTENECEMRDGDLVLIDAGCEYKGYAGDITRTFPVNGKFTQAQREIYDIVLESLETSLRLYRPGTSILEVTGEVVRI
MVSGLVKLGILKGDVDELIAQNAHRPFFMHGLSHWLGLDVHDVGVYGQDRSRILEPGMVLTVEPGLYIAPDAEVPEQYRG
IGIRIEDDIVITETGNENLTASVVKKPEEIEALMVAARKQ
;
_entity_poly.pdbx_strand_id   A
#
loop_
_chem_comp.id
_chem_comp.type
_chem_comp.name
_chem_comp.formula
FLC non-polymer 'CITRATE ANION' 'C6 H5 O7 -3'
MG non-polymer 'MAGNESIUM ION' 'Mg 2'
MN non-polymer 'MANGANESE (II) ION' 'Mn 2'
ZN non-polymer 'ZINC ION' 'Zn 2'
#
# COMPACT_ATOMS: atom_id res chain seq x y z
N SER A 1 17.82 -4.04 -0.29
CA SER A 1 17.24 -5.38 -0.59
C SER A 1 16.44 -5.36 -1.89
N GLU A 2 16.16 -6.55 -2.43
CA GLU A 2 15.35 -6.69 -3.64
C GLU A 2 14.69 -8.06 -3.77
N ILE A 3 13.81 -8.18 -4.75
CA ILE A 3 13.19 -9.45 -5.09
C ILE A 3 14.03 -10.15 -6.16
N SER A 4 14.39 -11.40 -5.89
CA SER A 4 15.23 -12.18 -6.80
C SER A 4 14.44 -12.73 -8.00
N ARG A 5 15.18 -13.04 -9.06
CA ARG A 5 14.64 -13.75 -10.23
C ARG A 5 13.90 -15.01 -9.82
N GLN A 6 14.52 -15.76 -8.90
CA GLN A 6 13.98 -17.03 -8.41
C GLN A 6 12.64 -16.84 -7.70
N GLU A 7 12.52 -15.75 -6.95
CA GLU A 7 11.28 -15.45 -6.26
C GLU A 7 10.12 -15.19 -7.22
N PHE A 8 10.37 -14.41 -8.28
CA PHE A 8 9.36 -14.17 -9.31
C PHE A 8 8.93 -15.50 -9.94
N GLN A 9 9.90 -16.37 -10.19
CA GLN A 9 9.66 -17.73 -10.67
C GLN A 9 8.78 -18.57 -9.70
N ARG A 10 9.12 -18.54 -8.41
CA ARG A 10 8.33 -19.23 -7.38
C ARG A 10 6.87 -18.78 -7.35
N ARG A 11 6.65 -17.47 -7.44
CA ARG A 11 5.31 -16.92 -7.42
C ARG A 11 4.48 -17.41 -8.61
N ARG A 12 5.07 -17.37 -9.79
CA ARG A 12 4.41 -17.88 -10.99
C ARG A 12 4.00 -19.34 -10.82
N GLN A 13 4.93 -20.15 -10.30
CA GLN A 13 4.65 -21.56 -10.06
C GLN A 13 3.61 -21.80 -8.98
N ALA A 14 3.57 -20.92 -7.98
CA ALA A 14 2.56 -21.02 -6.91
C ALA A 14 1.15 -20.71 -7.44
N LEU A 15 1.06 -19.82 -8.43
CA LEU A 15 -0.21 -19.57 -9.12
C LEU A 15 -0.60 -20.77 -9.99
N VAL A 16 0.37 -21.30 -10.73
CA VAL A 16 0.14 -22.42 -11.64
C VAL A 16 -0.31 -23.68 -10.88
N GLU A 17 0.31 -23.92 -9.72
CA GLU A 17 -0.08 -24.99 -8.80
C GLU A 17 -1.59 -25.00 -8.53
N GLN A 18 -2.16 -23.81 -8.32
CA GLN A 18 -3.59 -23.67 -8.01
C GLN A 18 -4.52 -23.71 -9.24
N MET A 19 -3.96 -23.61 -10.44
CA MET A 19 -4.75 -23.56 -11.66
C MET A 19 -5.19 -24.96 -12.11
N GLN A 20 -6.33 -25.01 -12.78
CA GLN A 20 -6.81 -26.25 -13.37
C GLN A 20 -5.92 -26.65 -14.56
N PRO A 21 -5.80 -27.96 -14.83
CA PRO A 21 -5.14 -28.36 -16.07
C PRO A 21 -5.94 -27.90 -17.30
N GLY A 22 -5.25 -27.62 -18.40
CA GLY A 22 -5.90 -27.12 -19.61
C GLY A 22 -6.43 -25.71 -19.41
N SER A 23 -5.58 -24.86 -18.86
CA SER A 23 -5.97 -23.50 -18.54
C SER A 23 -4.84 -22.50 -18.82
N ALA A 24 -5.22 -21.22 -18.92
CA ALA A 24 -4.26 -20.14 -19.11
C ALA A 24 -4.64 -18.96 -18.23
N ALA A 25 -3.65 -18.40 -17.53
CA ALA A 25 -3.85 -17.15 -16.76
C ALA A 25 -3.29 -15.94 -17.53
N LEU A 26 -4.09 -14.88 -17.61
CA LEU A 26 -3.73 -13.66 -18.35
C LEU A 26 -3.59 -12.49 -17.38
N ILE A 27 -2.38 -11.96 -17.27
CA ILE A 27 -2.11 -10.86 -16.37
C ILE A 27 -1.58 -9.67 -17.16
N PHE A 28 -2.32 -8.57 -17.13
CA PHE A 28 -2.05 -7.40 -17.96
C PHE A 28 -1.33 -6.30 -17.20
N ALA A 29 -0.45 -5.61 -17.91
CA ALA A 29 0.24 -4.43 -17.37
C ALA A 29 -0.71 -3.22 -17.30
N ALA A 30 -0.38 -2.28 -16.42
CA ALA A 30 -1.12 -1.02 -16.33
C ALA A 30 -0.96 -0.21 -17.60
N PRO A 31 -2.04 0.48 -18.01
CA PRO A 31 -1.86 1.48 -19.06
C PRO A 31 -1.11 2.73 -18.60
N GLU A 32 -0.54 3.45 -19.55
CA GLU A 32 0.02 4.76 -19.30
C GLU A 32 -1.09 5.74 -19.00
N VAL A 33 -0.78 6.69 -18.13
CA VAL A 33 -1.79 7.55 -17.57
C VAL A 33 -1.45 9.02 -17.83
N THR A 34 -2.40 9.73 -18.45
CA THR A 34 -2.24 11.13 -18.78
C THR A 34 -2.27 12.02 -17.54
N ARG A 35 -1.37 12.99 -17.51
CA ARG A 35 -1.39 14.03 -16.50
C ARG A 35 -2.06 15.29 -17.05
N SER A 36 -1.61 15.72 -18.22
CA SER A 36 -2.19 16.85 -18.92
C SER A 36 -1.73 16.82 -20.37
N ALA A 37 -2.67 16.96 -21.30
CA ALA A 37 -2.38 16.98 -22.73
C ALA A 37 -1.51 15.77 -23.12
N ASP A 38 -0.34 15.98 -23.73
CA ASP A 38 0.58 14.90 -24.16
CA ASP A 38 0.49 14.83 -24.12
C ASP A 38 1.53 14.44 -23.06
N SER A 39 1.46 15.05 -21.87
CA SER A 39 2.35 14.66 -20.78
C SER A 39 1.67 13.60 -19.91
N GLU A 40 2.48 12.67 -19.40
CA GLU A 40 1.98 11.53 -18.63
C GLU A 40 2.62 11.50 -17.25
N TYR A 41 1.87 10.94 -16.31
CA TYR A 41 2.37 10.71 -14.97
C TYR A 41 3.51 9.67 -15.02
N PRO A 42 4.43 9.72 -14.02
CA PRO A 42 5.45 8.67 -14.01
C PRO A 42 4.78 7.31 -13.97
N TYR A 43 5.26 6.39 -14.81
CA TYR A 43 4.61 5.11 -14.96
C TYR A 43 4.63 4.33 -13.65
N ARG A 44 3.47 3.78 -13.29
CA ARG A 44 3.32 2.90 -12.14
C ARG A 44 2.70 1.59 -12.62
N GLN A 45 3.49 0.53 -12.52
CA GLN A 45 3.08 -0.79 -12.96
C GLN A 45 1.96 -1.31 -12.08
N ASN A 46 1.03 -2.06 -12.69
CA ASN A 46 0.01 -2.81 -11.96
C ASN A 46 0.67 -3.73 -10.94
N SER A 47 0.14 -3.73 -9.72
CA SER A 47 0.79 -4.45 -8.60
C SER A 47 0.85 -5.95 -8.80
N ASP A 48 -0.22 -6.52 -9.35
CA ASP A 48 -0.28 -7.96 -9.63
C ASP A 48 0.67 -8.37 -10.76
N PHE A 49 0.73 -7.58 -11.83
CA PHE A 49 1.67 -7.83 -12.93
C PHE A 49 3.11 -7.72 -12.40
N TRP A 50 3.34 -6.69 -11.60
CA TRP A 50 4.65 -6.47 -11.00
C TRP A 50 5.09 -7.65 -10.13
N TYR A 51 4.14 -8.12 -9.31
CA TYR A 51 4.35 -9.25 -8.42
C TYR A 51 4.89 -10.51 -9.14
N PHE A 52 4.44 -10.73 -10.37
CA PHE A 52 4.91 -11.89 -11.12
C PHE A 52 6.12 -11.65 -12.04
N THR A 53 6.56 -10.40 -12.19
CA THR A 53 7.55 -10.04 -13.21
C THR A 53 8.68 -9.06 -12.80
N GLY A 54 8.37 -8.09 -11.94
CA GLY A 54 9.30 -6.98 -11.70
C GLY A 54 9.57 -6.13 -12.95
N PHE A 55 8.65 -6.16 -13.90
CA PHE A 55 8.84 -5.55 -15.22
C PHE A 55 8.04 -4.27 -15.32
N ASN A 56 8.71 -3.16 -15.63
CA ASN A 56 8.10 -1.84 -15.49
C ASN A 56 7.70 -1.17 -16.82
N GLU A 57 7.30 -1.97 -17.80
CA GLU A 57 6.79 -1.43 -19.06
C GLU A 57 5.27 -1.59 -19.20
N PRO A 58 4.61 -0.63 -19.87
CA PRO A 58 3.24 -0.82 -20.33
C PRO A 58 3.17 -1.72 -21.56
N GLU A 59 1.96 -2.07 -21.97
CA GLU A 59 1.70 -2.88 -23.15
C GLU A 59 2.44 -4.21 -23.08
N ALA A 60 2.21 -4.90 -21.97
CA ALA A 60 2.78 -6.19 -21.71
C ALA A 60 1.71 -7.09 -21.09
N VAL A 61 1.76 -8.38 -21.42
CA VAL A 61 0.81 -9.35 -20.90
C VAL A 61 1.57 -10.63 -20.59
N LEU A 62 1.47 -11.09 -19.35
CA LEU A 62 2.02 -12.37 -18.96
C LEU A 62 0.93 -13.44 -19.14
N VAL A 63 1.26 -14.48 -19.91
CA VAL A 63 0.35 -15.61 -20.12
C VAL A 63 0.98 -16.85 -19.56
N LEU A 64 0.34 -17.45 -18.56
CA LEU A 64 0.80 -18.71 -17.96
C LEU A 64 -0.13 -19.82 -18.38
N ILE A 65 0.42 -20.82 -19.07
CA ILE A 65 -0.38 -21.92 -19.61
C ILE A 65 -0.07 -23.21 -18.86
N LYS A 66 -1.09 -23.80 -18.25
CA LYS A 66 -0.97 -25.09 -17.57
C LYS A 66 -1.62 -26.21 -18.38
N SER A 67 -0.78 -27.10 -18.92
CA SER A 67 -1.28 -28.27 -19.63
C SER A 67 -1.76 -29.34 -18.65
N ASP A 68 -0.95 -29.63 -17.64
CA ASP A 68 -1.32 -30.58 -16.59
C ASP A 68 -0.47 -30.37 -15.32
N ASP A 69 -0.52 -31.31 -14.39
CA ASP A 69 0.17 -31.19 -13.09
C ASP A 69 1.68 -31.02 -13.16
N THR A 70 2.30 -31.44 -14.27
CA THR A 70 3.76 -31.34 -14.43
C THR A 70 4.20 -30.57 -15.70
N HIS A 71 3.25 -30.02 -16.45
CA HIS A 71 3.56 -29.35 -17.71
C HIS A 71 2.90 -27.96 -17.75
N ASN A 72 3.73 -26.93 -17.75
CA ASN A 72 3.28 -25.56 -17.95
C ASN A 72 4.38 -24.74 -18.59
N HIS A 73 3.98 -23.67 -19.26
CA HIS A 73 4.93 -22.74 -19.86
C HIS A 73 4.38 -21.33 -19.86
N SER A 74 5.23 -20.36 -20.12
CA SER A 74 4.85 -18.95 -20.05
C SER A 74 5.15 -18.23 -21.37
N VAL A 75 4.26 -17.28 -21.72
CA VAL A 75 4.43 -16.42 -22.88
C VAL A 75 4.28 -14.99 -22.40
N LEU A 76 5.24 -14.13 -22.77
CA LEU A 76 5.11 -12.70 -22.54
C LEU A 76 4.78 -12.00 -23.87
N PHE A 77 3.81 -11.09 -23.82
CA PHE A 77 3.62 -10.10 -24.87
C PHE A 77 4.21 -8.80 -24.34
N ASN A 78 5.07 -8.16 -25.12
CA ASN A 78 5.67 -6.89 -24.74
C ASN A 78 6.05 -6.04 -25.95
N ARG A 79 6.36 -4.77 -25.70
CA ARG A 79 6.65 -3.85 -26.77
C ARG A 79 7.88 -4.30 -27.55
N VAL A 80 7.77 -4.20 -28.87
CA VAL A 80 8.87 -4.48 -29.78
C VAL A 80 9.90 -3.37 -29.64
N ARG A 81 11.16 -3.66 -29.96
CA ARG A 81 12.18 -2.62 -29.99
C ARG A 81 12.00 -1.73 -31.21
N ASP A 82 12.26 -0.44 -31.03
CA ASP A 82 11.94 0.59 -32.00
C ASP A 82 12.92 1.73 -31.78
N LEU A 83 13.89 1.89 -32.68
CA LEU A 83 14.97 2.85 -32.47
C LEU A 83 14.45 4.28 -32.29
N THR A 84 13.48 4.68 -33.12
CA THR A 84 12.92 6.02 -33.03
C THR A 84 12.22 6.24 -31.68
N ALA A 85 11.35 5.31 -31.31
CA ALA A 85 10.66 5.38 -30.01
C ALA A 85 11.63 5.35 -28.81
N GLU A 86 12.76 4.67 -28.98
CA GLU A 86 13.72 4.53 -27.89
C GLU A 86 14.65 5.74 -27.74
N ILE A 87 15.05 6.32 -28.87
CA ILE A 87 15.73 7.62 -28.89
C ILE A 87 14.89 8.71 -28.19
N TRP A 88 13.58 8.65 -28.37
CA TRP A 88 12.68 9.69 -27.87
C TRP A 88 12.27 9.47 -26.42
N PHE A 89 11.86 8.26 -26.08
CA PHE A 89 11.16 7.99 -24.82
C PHE A 89 11.80 6.97 -23.88
N GLY A 90 12.86 6.29 -24.33
CA GLY A 90 13.61 5.39 -23.45
C GLY A 90 13.70 3.97 -23.96
N ARG A 91 14.72 3.25 -23.48
CA ARG A 91 15.02 1.88 -23.94
C ARG A 91 13.90 0.89 -23.62
N ARG A 92 13.78 -0.13 -24.47
CA ARG A 92 12.80 -1.21 -24.29
C ARG A 92 13.48 -2.55 -24.24
N LEU A 93 12.89 -3.48 -23.51
CA LEU A 93 13.43 -4.83 -23.38
C LEU A 93 13.41 -5.58 -24.72
N GLY A 94 12.25 -5.57 -25.39
CA GLY A 94 12.08 -6.31 -26.63
C GLY A 94 11.87 -7.80 -26.39
N GLN A 95 11.80 -8.56 -27.48
CA GLN A 95 11.48 -9.98 -27.42
C GLN A 95 12.70 -10.87 -27.25
N ASP A 96 13.81 -10.52 -27.91
CA ASP A 96 15.04 -11.34 -27.84
C ASP A 96 15.58 -11.51 -26.41
N ALA A 97 15.63 -10.40 -25.67
CA ALA A 97 16.23 -10.40 -24.33
C ALA A 97 15.26 -10.84 -23.21
N ALA A 98 13.96 -10.88 -23.51
CA ALA A 98 12.93 -11.08 -22.47
C ALA A 98 12.98 -12.45 -21.77
N PRO A 99 13.08 -13.55 -22.54
CA PRO A 99 13.14 -14.87 -21.91
C PRO A 99 14.21 -14.98 -20.81
N GLU A 100 15.40 -14.50 -21.09
CA GLU A 100 16.50 -14.55 -20.14
C GLU A 100 16.28 -13.54 -19.00
N LYS A 101 15.88 -12.33 -19.36
CA LYS A 101 15.72 -11.23 -18.40
C LYS A 101 14.60 -11.47 -17.38
N LEU A 102 13.45 -11.95 -17.87
CA LEU A 102 12.28 -12.17 -17.03
C LEU A 102 11.95 -13.64 -16.78
N GLY A 103 12.81 -14.56 -17.20
CA GLY A 103 12.57 -15.99 -16.99
C GLY A 103 11.26 -16.54 -17.55
N VAL A 104 10.86 -16.04 -18.72
CA VAL A 104 9.72 -16.58 -19.46
C VAL A 104 10.22 -17.47 -20.60
N ASP A 105 9.37 -18.37 -21.07
CA ASP A 105 9.77 -19.34 -22.10
C ASP A 105 9.73 -18.74 -23.50
N ARG A 106 8.89 -17.72 -23.68
CA ARG A 106 8.61 -17.20 -25.00
C ARG A 106 8.15 -15.74 -24.87
N ALA A 107 8.57 -14.90 -25.82
CA ALA A 107 8.17 -13.50 -25.84
C ALA A 107 7.75 -13.11 -27.25
N LEU A 108 6.57 -12.50 -27.35
CA LEU A 108 6.00 -12.06 -28.62
C LEU A 108 5.73 -10.56 -28.58
N ALA A 109 5.61 -9.94 -29.75
CA ALA A 109 5.27 -8.53 -29.86
C ALA A 109 3.82 -8.29 -29.41
N PHE A 110 3.65 -7.28 -28.57
CA PHE A 110 2.33 -6.88 -28.09
C PHE A 110 1.43 -6.42 -29.24
N SER A 111 2.05 -5.87 -30.29
CA SER A 111 1.34 -5.48 -31.50
C SER A 111 0.74 -6.67 -32.26
N GLU A 112 1.17 -7.88 -31.92
CA GLU A 112 0.62 -9.11 -32.53
C GLU A 112 -0.32 -9.89 -31.59
N ILE A 113 -0.71 -9.30 -30.46
CA ILE A 113 -1.49 -10.03 -29.45
C ILE A 113 -2.86 -10.53 -29.95
N ASN A 114 -3.52 -9.74 -30.80
CA ASN A 114 -4.82 -10.14 -31.35
C ASN A 114 -4.71 -11.25 -32.39
N GLN A 115 -3.55 -11.35 -33.03
CA GLN A 115 -3.27 -12.43 -33.97
C GLN A 115 -2.84 -13.72 -33.25
N GLN A 116 -2.41 -13.60 -32.00
CA GLN A 116 -1.72 -14.69 -31.29
C GLN A 116 -2.44 -15.25 -30.07
N LEU A 117 -3.17 -14.41 -29.33
CA LEU A 117 -3.77 -14.83 -28.06
C LEU A 117 -4.82 -15.92 -28.23
N TYR A 118 -5.68 -15.79 -29.25
CA TYR A 118 -6.72 -16.80 -29.48
C TYR A 118 -6.11 -18.17 -29.76
N GLN A 119 -4.95 -18.19 -30.42
CA GLN A 119 -4.23 -19.44 -30.68
C GLN A 119 -3.74 -20.09 -29.38
N LEU A 120 -3.35 -19.27 -28.40
CA LEU A 120 -2.94 -19.77 -27.10
C LEU A 120 -4.11 -20.27 -26.25
N LEU A 121 -5.29 -19.67 -26.43
CA LEU A 121 -6.46 -20.06 -25.65
C LEU A 121 -7.27 -21.14 -26.33
N ASN A 122 -7.02 -21.37 -27.62
CA ASN A 122 -7.74 -22.38 -28.38
C ASN A 122 -7.65 -23.76 -27.71
N GLY A 123 -8.81 -24.36 -27.43
CA GLY A 123 -8.87 -25.74 -26.96
C GLY A 123 -8.71 -25.90 -25.45
N LEU A 124 -8.51 -24.80 -24.74
CA LEU A 124 -8.38 -24.84 -23.28
C LEU A 124 -9.76 -24.90 -22.67
N ASP A 125 -9.84 -25.34 -21.42
CA ASP A 125 -11.12 -25.41 -20.71
C ASP A 125 -11.39 -24.16 -19.88
N VAL A 126 -10.32 -23.57 -19.35
CA VAL A 126 -10.43 -22.47 -18.40
C VAL A 126 -9.46 -21.35 -18.77
N VAL A 127 -9.95 -20.12 -18.67
CA VAL A 127 -9.10 -18.93 -18.76
C VAL A 127 -9.26 -18.14 -17.45
N TYR A 128 -8.13 -17.79 -16.84
CA TYR A 128 -8.12 -16.94 -15.65
C TYR A 128 -7.87 -15.51 -16.12
N HIS A 129 -8.84 -14.63 -15.85
CA HIS A 129 -8.81 -13.24 -16.30
C HIS A 129 -9.51 -12.38 -15.25
N ALA A 130 -8.85 -11.29 -14.86
CA ALA A 130 -9.43 -10.28 -13.96
C ALA A 130 -10.34 -9.32 -14.76
N GLN A 131 -11.52 -9.78 -15.10
CA GLN A 131 -12.44 -9.00 -15.89
C GLN A 131 -12.85 -7.71 -15.15
N GLY A 132 -12.80 -6.59 -15.88
CA GLY A 132 -13.17 -5.29 -15.31
C GLY A 132 -12.01 -4.51 -14.74
N GLU A 133 -10.83 -5.12 -14.65
CA GLU A 133 -9.64 -4.44 -14.13
C GLU A 133 -9.26 -3.30 -15.09
N TYR A 134 -9.04 -3.64 -16.36
CA TYR A 134 -8.72 -2.66 -17.41
C TYR A 134 -9.59 -2.88 -18.63
N ALA A 135 -10.09 -1.78 -19.20
CA ALA A 135 -10.92 -1.85 -20.40
C ALA A 135 -10.16 -2.39 -21.61
N TYR A 136 -8.87 -2.06 -21.72
CA TYR A 136 -8.09 -2.50 -22.89
C TYR A 136 -7.86 -4.00 -22.85
N ALA A 137 -7.69 -4.53 -21.64
CA ALA A 137 -7.50 -5.96 -21.43
C ALA A 137 -8.77 -6.72 -21.75
N ASP A 138 -9.92 -6.20 -21.30
CA ASP A 138 -11.21 -6.83 -21.59
C ASP A 138 -11.49 -6.87 -23.10
N VAL A 139 -11.16 -5.81 -23.82
CA VAL A 139 -11.34 -5.79 -25.27
C VAL A 139 -10.53 -6.91 -25.91
N ILE A 140 -9.25 -7.00 -25.55
CA ILE A 140 -8.36 -8.06 -26.05
C ILE A 140 -8.86 -9.48 -25.76
N VAL A 141 -9.26 -9.73 -24.51
CA VAL A 141 -9.65 -11.07 -24.09
C VAL A 141 -10.96 -11.47 -24.75
N ASN A 142 -11.93 -10.55 -24.77
CA ASN A 142 -13.25 -10.84 -25.33
C ASN A 142 -13.17 -11.09 -26.81
N SER A 143 -12.30 -10.33 -27.46
CA SER A 143 -12.09 -10.45 -28.89
C SER A 143 -11.51 -11.83 -29.24
N ALA A 144 -10.55 -12.30 -28.45
CA ALA A 144 -9.97 -13.64 -28.60
C ALA A 144 -11.01 -14.76 -28.43
N LEU A 145 -11.84 -14.64 -27.41
CA LEU A 145 -12.86 -15.64 -27.10
C LEU A 145 -13.97 -15.68 -28.16
N GLU A 146 -14.36 -14.51 -28.68
CA GLU A 146 -15.29 -14.45 -29.82
C GLU A 146 -14.74 -15.11 -31.08
N LYS A 147 -13.47 -14.88 -31.41
CA LYS A 147 -12.81 -15.58 -32.53
C LYS A 147 -12.94 -17.09 -32.38
N LEU A 148 -12.66 -17.59 -31.18
CA LEU A 148 -12.73 -19.02 -30.90
C LEU A 148 -14.16 -19.56 -30.97
N ARG A 149 -15.11 -18.84 -30.38
CA ARG A 149 -16.52 -19.25 -30.44
C ARG A 149 -17.02 -19.36 -31.86
N LYS A 150 -16.72 -18.34 -32.65
CA LYS A 150 -17.22 -18.26 -34.02
C LYS A 150 -16.39 -19.06 -35.04
N GLY A 151 -15.29 -19.68 -34.59
CA GLY A 151 -14.36 -20.35 -35.49
C GLY A 151 -14.38 -21.86 -35.48
N SER A 152 -15.56 -22.45 -35.33
CA SER A 152 -15.67 -23.91 -35.26
C SER A 152 -15.39 -24.62 -36.59
N ARG A 153 -15.57 -23.91 -37.71
CA ARG A 153 -15.26 -24.45 -39.03
C ARG A 153 -13.77 -24.41 -39.33
N GLN A 154 -13.04 -23.64 -38.53
CA GLN A 154 -11.59 -23.66 -38.50
C GLN A 154 -11.09 -24.51 -37.31
N ASN A 155 -11.99 -25.31 -36.75
CA ASN A 155 -11.70 -26.20 -35.62
C ASN A 155 -11.15 -25.48 -34.39
N LEU A 156 -11.73 -24.33 -34.09
CA LEU A 156 -11.42 -23.56 -32.89
C LEU A 156 -12.53 -23.75 -31.84
N THR A 157 -12.12 -23.78 -30.58
CA THR A 157 -13.06 -23.78 -29.45
C THR A 157 -12.56 -22.84 -28.36
N ALA A 158 -13.50 -22.13 -27.74
CA ALA A 158 -13.20 -21.25 -26.62
C ALA A 158 -13.32 -22.00 -25.30
N PRO A 159 -12.46 -21.66 -24.31
CA PRO A 159 -12.75 -22.12 -22.94
C PRO A 159 -14.08 -21.52 -22.45
N ALA A 160 -14.97 -22.38 -21.99
CA ALA A 160 -16.31 -21.96 -21.52
C ALA A 160 -16.26 -21.34 -20.14
N THR A 161 -15.20 -21.64 -19.39
CA THR A 161 -15.04 -21.20 -18.01
C THR A 161 -14.01 -20.05 -17.89
N MET A 162 -14.45 -18.94 -17.29
CA MET A 162 -13.56 -17.82 -16.96
C MET A 162 -13.54 -17.64 -15.45
N ILE A 163 -12.33 -17.50 -14.89
CA ILE A 163 -12.18 -17.40 -13.45
C ILE A 163 -11.35 -16.16 -13.11
N ASP A 164 -11.84 -15.40 -12.14
CA ASP A 164 -11.11 -14.27 -11.64
C ASP A 164 -9.95 -14.78 -10.78
N TRP A 165 -8.73 -14.53 -11.22
CA TRP A 165 -7.54 -14.96 -10.45
C TRP A 165 -7.21 -14.03 -9.27
N ARG A 166 -7.88 -12.89 -9.15
CA ARG A 166 -7.51 -11.92 -8.11
C ARG A 166 -7.65 -12.45 -6.67
N PRO A 167 -8.78 -13.10 -6.34
CA PRO A 167 -8.85 -13.73 -5.01
C PRO A 167 -7.63 -14.61 -4.68
N VAL A 168 -7.24 -15.47 -5.60
CA VAL A 168 -6.08 -16.34 -5.42
C VAL A 168 -4.78 -15.56 -5.29
N VAL A 169 -4.56 -14.61 -6.18
CA VAL A 169 -3.31 -13.84 -6.20
C VAL A 169 -3.21 -12.89 -4.99
N HIS A 170 -4.32 -12.29 -4.60
CA HIS A 170 -4.34 -11.39 -3.46
C HIS A 170 -4.14 -12.12 -2.12
N GLU A 171 -4.62 -13.36 -2.06
CA GLU A 171 -4.36 -14.25 -0.93
C GLU A 171 -2.87 -14.62 -0.84
N MET A 172 -2.22 -14.79 -1.99
CA MET A 172 -0.76 -14.97 -2.05
C MET A 172 -0.04 -13.71 -1.54
N ARG A 173 -0.45 -12.55 -2.05
CA ARG A 173 0.15 -11.26 -1.68
C ARG A 173 0.00 -10.90 -0.21
N LEU A 174 -1.02 -11.47 0.44
CA LEU A 174 -1.32 -11.26 1.84
C LEU A 174 -0.25 -11.80 2.77
N PHE A 175 0.44 -12.85 2.31
CA PHE A 175 1.51 -13.49 3.06
C PHE A 175 2.86 -13.22 2.43
N LYS A 176 3.65 -12.41 3.11
CA LYS A 176 4.94 -11.98 2.58
C LYS A 176 6.04 -13.03 2.82
N SER A 177 6.89 -13.19 1.83
CA SER A 177 8.06 -14.04 1.93
C SER A 177 9.14 -13.29 2.72
N PRO A 178 10.20 -14.01 3.16
CA PRO A 178 11.35 -13.34 3.77
C PRO A 178 11.95 -12.23 2.89
N GLU A 179 12.04 -12.45 1.58
CA GLU A 179 12.54 -11.42 0.67
C GLU A 179 11.69 -10.16 0.72
N GLU A 180 10.36 -10.34 0.66
CA GLU A 180 9.41 -9.22 0.74
C GLU A 180 9.53 -8.49 2.07
N ILE A 181 9.65 -9.26 3.15
CA ILE A 181 9.78 -8.69 4.49
C ILE A 181 11.07 -7.87 4.59
N ALA A 182 12.14 -8.33 3.95
CA ALA A 182 13.40 -7.58 3.93
C ALA A 182 13.24 -6.26 3.19
N VAL A 183 12.52 -6.28 2.08
CA VAL A 183 12.29 -5.06 1.28
C VAL A 183 11.42 -4.07 2.05
N LEU A 184 10.33 -4.56 2.63
CA LEU A 184 9.44 -3.75 3.48
C LEU A 184 10.16 -3.21 4.72
N ARG A 185 11.11 -3.98 5.23
CA ARG A 185 11.93 -3.52 6.35
C ARG A 185 12.75 -2.28 5.96
N ARG A 186 13.31 -2.31 4.75
CA ARG A 186 14.06 -1.17 4.23
C ARG A 186 13.14 0.01 3.92
N ALA A 187 11.99 -0.25 3.31
CA ALA A 187 10.97 0.79 3.11
C ALA A 187 10.59 1.48 4.42
N GLY A 188 10.44 0.69 5.49
CA GLY A 188 10.16 1.22 6.84
C GLY A 188 11.25 2.12 7.40
N GLU A 189 12.52 1.71 7.23
CA GLU A 189 13.68 2.52 7.65
C GLU A 189 13.78 3.82 6.88
N ILE A 190 13.59 3.73 5.57
CA ILE A 190 13.63 4.90 4.70
C ILE A 190 12.55 5.89 5.12
N THR A 191 11.34 5.38 5.29
CA THR A 191 10.21 6.21 5.67
C THR A 191 10.44 6.82 7.05
N ALA A 192 11.00 6.06 7.97
CA ALA A 192 11.29 6.57 9.33
C ALA A 192 12.34 7.68 9.32
N MET A 193 13.41 7.51 8.53
CA MET A 193 14.43 8.54 8.39
C MET A 193 13.84 9.85 7.88
N ALA A 194 12.84 9.74 6.99
CA ALA A 194 12.16 10.90 6.43
C ALA A 194 11.30 11.64 7.46
N HIS A 195 10.62 10.89 8.32
CA HIS A 195 9.80 11.46 9.39
C HIS A 195 10.64 12.10 10.49
N THR A 196 11.78 11.50 10.81
CA THR A 196 12.75 12.07 11.73
C THR A 196 13.23 13.43 11.21
N ARG A 197 13.56 13.44 9.93
CA ARG A 197 14.03 14.63 9.24
C ARG A 197 12.99 15.76 9.24
N ALA A 198 11.74 15.42 8.96
CA ALA A 198 10.66 16.40 9.02
C ALA A 198 10.54 17.05 10.41
N MET A 199 10.59 16.22 11.45
CA MET A 199 10.61 16.72 12.84
C MET A 199 11.78 17.66 13.13
N GLU A 200 12.95 17.29 12.65
CA GLU A 200 14.17 18.08 12.85
C GLU A 200 14.19 19.38 12.07
N LYS A 201 13.49 19.43 10.95
CA LYS A 201 13.49 20.61 10.09
C LYS A 201 12.37 21.59 10.40
N CYS A 202 11.30 21.10 11.01
CA CYS A 202 10.10 21.91 11.28
C CYS A 202 10.39 23.14 12.13
N ARG A 203 9.92 24.29 11.65
CA ARG A 203 9.92 25.55 12.40
C ARG A 203 8.59 26.27 12.13
N PRO A 204 8.12 27.07 13.10
CA PRO A 204 7.00 27.98 12.83
C PRO A 204 7.28 28.92 11.65
N GLY A 205 6.30 29.10 10.77
CA GLY A 205 6.48 30.00 9.63
C GLY A 205 6.82 29.28 8.33
N MET A 206 7.29 28.05 8.45
CA MET A 206 7.38 27.15 7.32
C MET A 206 5.99 26.72 6.91
N PHE A 207 5.85 26.35 5.64
CA PHE A 207 4.61 25.82 5.12
C PHE A 207 4.55 24.32 5.24
N GLU A 208 3.33 23.80 5.24
CA GLU A 208 3.10 22.37 5.30
C GLU A 208 3.88 21.65 4.19
N TYR A 209 3.85 22.23 2.99
CA TYR A 209 4.52 21.62 1.85
C TYR A 209 6.05 21.57 1.96
N HIS A 210 6.64 22.45 2.77
CA HIS A 210 8.08 22.40 3.02
C HIS A 210 8.49 21.07 3.66
N LEU A 211 7.70 20.60 4.61
CA LEU A 211 7.95 19.31 5.24
C LEU A 211 7.75 18.13 4.28
N GLU A 212 6.77 18.24 3.40
CA GLU A 212 6.63 17.33 2.26
C GLU A 212 7.90 17.27 1.41
N GLY A 213 8.48 18.44 1.14
CA GLY A 213 9.69 18.54 0.34
C GLY A 213 10.87 17.84 0.98
N GLU A 214 11.03 18.00 2.29
CA GLU A 214 12.05 17.30 3.05
C GLU A 214 11.87 15.78 2.99
N ILE A 215 10.63 15.35 3.17
CA ILE A 215 10.28 13.93 3.18
C ILE A 215 10.56 13.24 1.84
N HIS A 216 10.15 13.88 0.76
CA HIS A 216 10.37 13.34 -0.58
C HIS A 216 11.85 13.29 -0.97
N HIS A 217 12.61 14.31 -0.56
CA HIS A 217 14.06 14.34 -0.79
C HIS A 217 14.73 13.17 -0.09
N GLU A 218 14.35 12.92 1.16
CA GLU A 218 14.85 11.78 1.93
C GLU A 218 14.50 10.44 1.29
N PHE A 219 13.24 10.25 0.89
CA PHE A 219 12.85 9.03 0.15
C PHE A 219 13.80 8.81 -1.03
N ASN A 220 13.96 9.86 -1.84
CA ASN A 220 14.71 9.81 -3.09
C ASN A 220 16.17 9.43 -2.87
N ARG A 221 16.78 9.96 -1.83
CA ARG A 221 18.21 9.74 -1.64
C ARG A 221 18.58 8.31 -1.24
N HIS A 222 17.63 7.58 -0.65
CA HIS A 222 17.77 6.14 -0.41
C HIS A 222 17.28 5.27 -1.59
N GLY A 223 16.90 5.88 -2.70
CA GLY A 223 16.49 5.16 -3.90
C GLY A 223 15.01 4.81 -3.97
N ALA A 224 14.19 5.50 -3.19
CA ALA A 224 12.74 5.42 -3.31
C ALA A 224 12.26 6.73 -3.95
N ARG A 225 12.24 6.76 -5.28
CA ARG A 225 11.88 7.98 -6.04
C ARG A 225 10.49 8.50 -5.73
N TYR A 226 9.54 7.59 -5.57
CA TYR A 226 8.14 7.97 -5.44
C TYR A 226 7.61 7.60 -4.08
N PRO A 227 6.67 8.42 -3.55
CA PRO A 227 5.87 7.98 -2.42
C PRO A 227 4.85 6.90 -2.83
N SER A 228 4.44 6.09 -1.87
CA SER A 228 3.42 5.05 -2.06
C SER A 228 2.01 5.65 -2.08
N TYR A 229 1.87 6.86 -1.55
CA TYR A 229 0.63 7.61 -1.57
C TYR A 229 0.93 9.10 -1.44
N ASN A 230 -0.07 9.93 -1.74
CA ASN A 230 0.07 11.39 -1.63
C ASN A 230 0.27 11.82 -0.18
N THR A 231 1.40 12.48 0.07
CA THR A 231 1.84 12.88 1.40
C THR A 231 0.88 13.86 2.06
N ILE A 232 0.63 13.61 3.35
CA ILE A 232 -0.30 14.36 4.17
C ILE A 232 0.48 15.12 5.23
N VAL A 233 0.38 16.45 5.21
CA VAL A 233 0.97 17.31 6.24
C VAL A 233 -0.11 18.27 6.77
N GLY A 234 -0.87 17.81 7.75
CA GLY A 234 -1.97 18.61 8.32
C GLY A 234 -1.61 19.28 9.63
N SER A 235 -1.28 20.58 9.56
CA SER A 235 -1.03 21.38 10.76
C SER A 235 -2.36 21.96 11.29
N GLY A 236 -2.46 22.12 12.61
CA GLY A 236 -3.68 22.65 13.22
C GLY A 236 -4.95 21.85 12.92
N GLU A 237 -5.99 22.57 12.48
CA GLU A 237 -7.27 21.94 12.17
C GLU A 237 -7.20 21.02 10.97
N ASN A 238 -6.18 21.20 10.11
CA ASN A 238 -5.96 20.33 8.96
C ASN A 238 -5.66 18.89 9.38
N GLY A 239 -5.16 18.72 10.60
CA GLY A 239 -4.94 17.40 11.20
C GLY A 239 -6.20 16.55 11.41
N CYS A 240 -7.36 17.20 11.45
CA CYS A 240 -8.64 16.49 11.59
C CYS A 240 -9.20 15.95 10.28
N ILE A 241 -8.50 16.22 9.17
CA ILE A 241 -8.83 15.70 7.85
C ILE A 241 -7.87 14.54 7.60
N LEU A 242 -8.41 13.35 7.39
CA LEU A 242 -7.64 12.11 7.41
C LEU A 242 -6.61 12.02 6.28
N HIS A 243 -7.00 12.46 5.09
CA HIS A 243 -6.11 12.49 3.92
C HIS A 243 -5.99 13.91 3.40
N TYR A 244 -5.67 14.84 4.30
CA TYR A 244 -5.41 16.23 3.93
C TYR A 244 -4.13 16.26 3.10
N THR A 245 -4.25 16.63 1.82
CA THR A 245 -3.06 16.69 0.95
C THR A 245 -2.82 18.05 0.31
N GLU A 246 -3.61 19.08 0.67
CA GLU A 246 -3.39 20.42 0.12
C GLU A 246 -2.04 20.97 0.56
N ASN A 247 -1.68 20.68 1.80
CA ASN A 247 -0.39 21.04 2.39
C ASN A 247 0.04 22.48 2.10
N GLU A 248 -0.92 23.40 2.18
CA GLU A 248 -0.77 24.77 1.66
C GLU A 248 -0.60 25.85 2.73
N CYS A 249 -0.76 25.47 3.99
CA CYS A 249 -0.83 26.44 5.08
C CYS A 249 0.50 26.68 5.75
N GLU A 250 0.69 27.93 6.17
CA GLU A 250 1.76 28.29 7.07
C GLU A 250 1.56 27.58 8.40
N MET A 251 2.59 26.88 8.86
CA MET A 251 2.55 26.19 10.14
C MET A 251 2.79 27.17 11.27
N ARG A 252 1.90 27.12 12.27
CA ARG A 252 1.85 28.10 13.33
C ARG A 252 2.39 27.54 14.65
N ASP A 253 3.26 28.31 15.30
CA ASP A 253 3.60 28.11 16.69
C ASP A 253 2.33 27.87 17.53
N GLY A 254 2.33 26.79 18.31
CA GLY A 254 1.18 26.44 19.13
C GLY A 254 0.35 25.30 18.58
N ASP A 255 0.44 25.06 17.28
CA ASP A 255 -0.27 23.97 16.61
C ASP A 255 0.57 22.71 16.60
N LEU A 256 -0.13 21.58 16.46
CA LEU A 256 0.49 20.31 16.11
C LEU A 256 0.54 20.17 14.59
N VAL A 257 1.45 19.33 14.11
CA VAL A 257 1.43 18.93 12.70
C VAL A 257 1.41 17.41 12.61
N LEU A 258 0.46 16.91 11.82
CA LEU A 258 0.28 15.49 11.56
C LEU A 258 0.84 15.15 10.17
N ILE A 259 1.82 14.25 10.14
CA ILE A 259 2.45 13.84 8.90
C ILE A 259 2.21 12.36 8.66
N ASP A 260 1.43 12.06 7.62
CA ASP A 260 1.26 10.70 7.13
C ASP A 260 1.95 10.59 5.76
N ALA A 261 3.06 9.85 5.74
CA ALA A 261 3.86 9.74 4.51
C ALA A 261 4.64 8.42 4.46
N GLY A 262 4.81 7.91 3.25
CA GLY A 262 5.38 6.60 3.01
C GLY A 262 6.05 6.51 1.65
N CYS A 263 7.22 5.88 1.60
CA CYS A 263 7.96 5.75 0.36
C CYS A 263 7.48 4.52 -0.38
N GLU A 264 7.80 4.46 -1.67
CA GLU A 264 7.67 3.23 -2.44
C GLU A 264 9.06 2.75 -2.83
N TYR A 265 9.45 1.62 -2.26
CA TYR A 265 10.78 1.05 -2.45
C TYR A 265 10.62 -0.34 -3.06
N LYS A 266 11.10 -0.49 -4.29
CA LYS A 266 10.96 -1.74 -5.05
C LYS A 266 9.51 -2.20 -5.15
N GLY A 267 8.59 -1.24 -5.26
CA GLY A 267 7.16 -1.50 -5.35
C GLY A 267 6.41 -1.55 -4.03
N TYR A 268 7.13 -1.63 -2.91
CA TYR A 268 6.53 -1.88 -1.60
C TYR A 268 6.39 -0.58 -0.80
N ALA A 269 5.30 -0.51 -0.05
CA ALA A 269 4.90 0.70 0.64
C ALA A 269 5.38 0.75 2.08
N GLY A 270 6.00 1.87 2.44
CA GLY A 270 6.07 2.32 3.82
C GLY A 270 4.82 3.14 4.11
N ASP A 271 4.49 3.27 5.38
CA ASP A 271 3.30 4.02 5.78
C ASP A 271 3.40 4.42 7.24
N ILE A 272 3.92 5.62 7.48
CA ILE A 272 4.12 6.12 8.83
C ILE A 272 3.32 7.41 9.05
N THR A 273 2.76 7.53 10.26
CA THR A 273 2.21 8.80 10.71
C THR A 273 2.90 9.16 12.02
N ARG A 274 3.34 10.41 12.09
CA ARG A 274 3.79 11.01 13.33
C ARG A 274 3.13 12.38 13.47
N THR A 275 2.70 12.69 14.68
CA THR A 275 2.15 14.00 15.01
C THR A 275 3.05 14.61 16.08
N PHE A 276 3.38 15.90 15.92
CA PHE A 276 4.30 16.58 16.84
C PHE A 276 4.06 18.09 16.88
N PRO A 277 4.52 18.76 17.95
CA PRO A 277 4.38 20.20 18.01
C PRO A 277 5.27 20.95 16.97
N VAL A 278 4.66 21.91 16.28
CA VAL A 278 5.37 22.75 15.33
C VAL A 278 6.54 23.46 16.02
N ASN A 279 6.34 23.92 17.25
CA ASN A 279 7.38 24.61 18.02
C ASN A 279 8.22 23.71 18.92
N GLY A 280 8.03 22.39 18.79
CA GLY A 280 8.87 21.42 19.49
C GLY A 280 8.52 21.13 20.95
N LYS A 281 7.43 21.71 21.45
CA LYS A 281 7.00 21.50 22.83
C LYS A 281 5.49 21.28 22.88
N PHE A 282 5.08 20.09 23.32
CA PHE A 282 3.66 19.76 23.50
C PHE A 282 3.08 20.61 24.62
N THR A 283 1.86 21.11 24.41
CA THR A 283 1.10 21.75 25.49
C THR A 283 0.46 20.63 26.33
N GLN A 284 -0.03 21.01 27.51
CA GLN A 284 -0.74 20.08 28.36
C GLN A 284 -1.92 19.44 27.63
N ALA A 285 -2.75 20.26 26.99
CA ALA A 285 -3.93 19.79 26.26
C ALA A 285 -3.54 18.83 25.13
N GLN A 286 -2.50 19.20 24.39
CA GLN A 286 -1.95 18.34 23.35
C GLN A 286 -1.43 17.00 23.87
N ARG A 287 -0.69 17.02 24.99
CA ARG A 287 -0.23 15.79 25.66
C ARG A 287 -1.35 14.87 26.11
N GLU A 288 -2.41 15.46 26.64
CA GLU A 288 -3.56 14.71 27.13
C GLU A 288 -4.22 13.90 26.02
N ILE A 289 -4.32 14.46 24.83
CA ILE A 289 -4.82 13.70 23.67
C ILE A 289 -3.75 12.75 23.12
N TYR A 290 -2.52 13.25 22.99
CA TYR A 290 -1.43 12.45 22.47
C TYR A 290 -1.22 11.15 23.24
N ASP A 291 -1.26 11.25 24.57
CA ASP A 291 -1.02 10.10 25.44
C ASP A 291 -2.04 8.98 25.24
N ILE A 292 -3.28 9.35 24.97
CA ILE A 292 -4.34 8.37 24.70
C ILE A 292 -4.05 7.62 23.40
N VAL A 293 -3.66 8.34 22.35
CA VAL A 293 -3.31 7.73 21.06
C VAL A 293 -2.05 6.88 21.19
N LEU A 294 -1.07 7.35 21.95
CA LEU A 294 0.17 6.60 22.15
C LEU A 294 -0.06 5.31 22.94
N GLU A 295 -0.90 5.37 23.97
CA GLU A 295 -1.23 4.18 24.74
C GLU A 295 -1.95 3.15 23.86
N SER A 296 -2.89 3.63 23.03
CA SER A 296 -3.58 2.79 22.07
C SER A 296 -2.58 2.08 21.14
N LEU A 297 -1.60 2.80 20.62
CA LEU A 297 -0.60 2.22 19.74
C LEU A 297 0.31 1.22 20.47
N GLU A 298 0.88 1.63 21.60
CA GLU A 298 1.78 0.80 22.38
C GLU A 298 1.12 -0.51 22.82
N THR A 299 -0.13 -0.41 23.24
CA THR A 299 -0.92 -1.57 23.66
C THR A 299 -1.22 -2.49 22.47
N SER A 300 -1.62 -1.90 21.34
CA SER A 300 -1.86 -2.66 20.12
C SER A 300 -0.60 -3.41 19.67
N LEU A 301 0.55 -2.74 19.76
CA LEU A 301 1.83 -3.34 19.40
C LEU A 301 2.17 -4.55 20.27
N ARG A 302 1.82 -4.48 21.56
CA ARG A 302 1.99 -5.61 22.47
C ARG A 302 1.05 -6.77 22.12
N LEU A 303 -0.20 -6.45 21.81
CA LEU A 303 -1.24 -7.46 21.61
C LEU A 303 -1.14 -8.19 20.27
N TYR A 304 -0.76 -7.48 19.21
CA TYR A 304 -0.75 -8.08 17.88
C TYR A 304 0.20 -9.27 17.81
N ARG A 305 -0.37 -10.41 17.40
CA ARG A 305 0.32 -11.69 17.36
C ARG A 305 -0.59 -12.66 16.61
N PRO A 306 -0.07 -13.83 16.20
CA PRO A 306 -0.95 -14.86 15.64
C PRO A 306 -2.07 -15.26 16.60
N GLY A 307 -3.30 -15.34 16.08
CA GLY A 307 -4.43 -15.82 16.87
C GLY A 307 -5.38 -14.74 17.29
N THR A 308 -4.93 -13.50 17.35
CA THR A 308 -5.84 -12.38 17.55
C THR A 308 -6.26 -11.82 16.17
N SER A 309 -6.96 -10.69 16.16
CA SER A 309 -7.44 -10.06 14.93
C SER A 309 -7.47 -8.54 15.08
N ILE A 310 -7.60 -7.85 13.95
CA ILE A 310 -7.74 -6.39 13.94
C ILE A 310 -8.97 -5.99 14.77
N LEU A 311 -10.08 -6.70 14.58
CA LEU A 311 -11.30 -6.47 15.35
C LEU A 311 -11.08 -6.56 16.87
N GLU A 312 -10.40 -7.60 17.29
CA GLU A 312 -10.20 -7.86 18.72
C GLU A 312 -9.28 -6.83 19.37
N VAL A 313 -8.20 -6.49 18.70
CA VAL A 313 -7.26 -5.47 19.20
C VAL A 313 -7.91 -4.08 19.17
N THR A 314 -8.76 -3.83 18.18
CA THR A 314 -9.54 -2.58 18.08
C THR A 314 -10.44 -2.38 19.31
N GLY A 315 -11.02 -3.45 19.82
CA GLY A 315 -11.86 -3.38 21.01
C GLY A 315 -11.11 -2.88 22.24
N GLU A 316 -9.85 -3.27 22.35
CA GLU A 316 -9.00 -2.79 23.45
C GLU A 316 -8.68 -1.30 23.30
N VAL A 317 -8.45 -0.87 22.07
CA VAL A 317 -8.17 0.54 21.75
C VAL A 317 -9.39 1.44 22.03
N VAL A 318 -10.58 0.95 21.65
CA VAL A 318 -11.83 1.67 21.92
C VAL A 318 -12.02 1.90 23.41
N ARG A 319 -11.67 0.90 24.23
CA ARG A 319 -11.74 1.02 25.68
C ARG A 319 -10.76 2.07 26.22
N ILE A 320 -9.51 2.00 25.76
CA ILE A 320 -8.50 2.99 26.13
C ILE A 320 -8.96 4.39 25.74
N MET A 321 -9.51 4.52 24.54
CA MET A 321 -9.96 5.81 24.01
C MET A 321 -11.13 6.40 24.79
N VAL A 322 -12.18 5.60 24.98
CA VAL A 322 -13.35 6.03 25.74
C VAL A 322 -12.97 6.40 27.19
N SER A 323 -12.07 5.64 27.79
CA SER A 323 -11.62 5.92 29.17
C SER A 323 -10.85 7.22 29.26
N GLY A 324 -9.91 7.42 28.36
CA GLY A 324 -9.12 8.65 28.33
C GLY A 324 -9.99 9.85 28.08
N LEU A 325 -10.97 9.72 27.18
CA LEU A 325 -11.86 10.82 26.81
C LEU A 325 -12.85 11.20 27.91
N VAL A 326 -13.30 10.22 28.68
CA VAL A 326 -14.15 10.47 29.84
C VAL A 326 -13.37 11.22 30.93
N LYS A 327 -12.12 10.83 31.17
CA LYS A 327 -11.28 11.52 32.14
C LYS A 327 -11.00 12.98 31.78
N LEU A 328 -10.98 13.31 30.49
CA LEU A 328 -10.74 14.68 30.05
C LEU A 328 -12.03 15.49 29.94
N GLY A 329 -13.19 14.84 30.06
CA GLY A 329 -14.48 15.51 29.92
C GLY A 329 -14.91 15.70 28.48
N ILE A 330 -14.23 15.02 27.54
CA ILE A 330 -14.61 15.05 26.14
C ILE A 330 -15.84 14.13 25.91
N LEU A 331 -15.88 13.03 26.65
CA LEU A 331 -17.09 12.19 26.75
C LEU A 331 -17.63 12.25 28.17
N LYS A 332 -18.93 11.97 28.31
CA LYS A 332 -19.58 11.97 29.63
C LYS A 332 -20.48 10.73 29.79
N GLY A 333 -20.27 10.00 30.87
CA GLY A 333 -21.12 8.88 31.21
C GLY A 333 -20.37 7.67 31.69
N ASP A 334 -21.08 6.54 31.76
CA ASP A 334 -20.47 5.27 32.13
C ASP A 334 -19.65 4.76 30.95
N VAL A 335 -18.43 4.35 31.23
CA VAL A 335 -17.48 3.92 30.20
C VAL A 335 -18.02 2.74 29.38
N ASP A 336 -18.56 1.73 30.05
CA ASP A 336 -19.07 0.55 29.35
C ASP A 336 -20.27 0.87 28.49
N GLU A 337 -21.14 1.77 28.97
CA GLU A 337 -22.29 2.22 28.19
C GLU A 337 -21.85 3.03 26.97
N LEU A 338 -20.91 3.95 27.20
CA LEU A 338 -20.31 4.73 26.12
C LEU A 338 -19.67 3.85 25.05
N ILE A 339 -18.94 2.82 25.49
CA ILE A 339 -18.37 1.82 24.58
C ILE A 339 -19.46 1.12 23.78
N ALA A 340 -20.52 0.66 24.46
CA ALA A 340 -21.65 0.01 23.80
C ALA A 340 -22.32 0.91 22.76
N GLN A 341 -22.33 2.21 23.03
CA GLN A 341 -22.89 3.19 22.08
C GLN A 341 -21.88 3.67 21.02
N ASN A 342 -20.68 3.09 20.99
CA ASN A 342 -19.59 3.55 20.09
C ASN A 342 -19.38 5.08 20.16
N ALA A 343 -19.34 5.59 21.39
CA ALA A 343 -19.27 7.03 21.63
C ALA A 343 -17.92 7.64 21.20
N HIS A 344 -16.93 6.79 20.94
CA HIS A 344 -15.64 7.21 20.42
C HIS A 344 -15.67 7.61 18.93
N ARG A 345 -16.70 7.19 18.18
CA ARG A 345 -16.70 7.31 16.71
C ARG A 345 -16.57 8.71 16.14
N PRO A 346 -17.21 9.72 16.78
CA PRO A 346 -16.97 11.10 16.32
C PRO A 346 -15.50 11.53 16.34
N PHE A 347 -14.68 10.85 17.14
CA PHE A 347 -13.27 11.21 17.34
C PHE A 347 -12.28 10.21 16.73
N PHE A 348 -12.73 8.99 16.51
CA PHE A 348 -11.92 7.95 15.86
C PHE A 348 -12.84 7.20 14.92
N MET A 349 -12.82 7.61 13.65
CA MET A 349 -13.83 7.19 12.68
C MET A 349 -13.26 6.32 11.56
N HIS A 350 -12.01 5.90 11.69
CA HIS A 350 -11.41 4.96 10.75
C HIS A 350 -10.93 3.73 11.47
N GLY A 351 -10.44 2.76 10.70
CA GLY A 351 -9.93 1.51 11.21
C GLY A 351 -8.53 1.63 11.79
N LEU A 352 -8.24 0.78 12.77
CA LEU A 352 -6.95 0.74 13.43
C LEU A 352 -5.81 0.28 12.51
N SER A 353 -6.13 -0.62 11.59
CA SER A 353 -5.12 -1.33 10.81
C SER A 353 -5.61 -1.63 9.39
N HIS A 354 -4.70 -1.60 8.43
CA HIS A 354 -4.95 -2.15 7.11
C HIS A 354 -3.76 -2.98 6.67
N TRP A 355 -3.99 -3.90 5.74
CA TRP A 355 -2.91 -4.68 5.15
C TRP A 355 -1.93 -3.75 4.45
N LEU A 356 -0.67 -4.15 4.38
CA LEU A 356 0.38 -3.32 3.75
C LEU A 356 1.25 -4.18 2.83
N GLY A 357 1.54 -3.66 1.64
CA GLY A 357 2.45 -4.35 0.72
C GLY A 357 2.74 -3.56 -0.56
N LEU A 358 2.47 -4.17 -1.70
CA LEU A 358 2.67 -3.51 -3.00
C LEU A 358 1.70 -2.34 -3.19
N ASP A 359 0.61 -2.38 -2.45
CA ASP A 359 -0.28 -1.23 -2.28
C ASP A 359 -0.34 -0.86 -0.81
N VAL A 360 -0.41 0.45 -0.54
CA VAL A 360 -0.40 0.95 0.83
C VAL A 360 -1.62 0.40 1.58
N HIS A 361 -2.81 0.50 0.98
CA HIS A 361 -3.98 -0.24 1.44
C HIS A 361 -4.02 -1.54 0.65
N ASP A 362 -3.40 -2.58 1.21
CA ASP A 362 -3.06 -3.75 0.44
C ASP A 362 -4.23 -4.70 0.29
N VAL A 363 -4.09 -5.56 -0.72
CA VAL A 363 -5.05 -6.57 -1.05
C VAL A 363 -5.09 -7.68 0.01
N GLY A 364 -6.16 -8.44 0.00
CA GLY A 364 -6.32 -9.57 0.92
C GLY A 364 -7.63 -9.45 1.70
N VAL A 365 -8.25 -10.61 1.91
CA VAL A 365 -9.52 -10.68 2.64
C VAL A 365 -9.35 -10.37 4.13
N TYR A 366 -10.13 -9.41 4.62
CA TYR A 366 -10.10 -8.96 6.01
C TYR A 366 -10.99 -9.79 6.94
N GLY A 367 -12.01 -10.43 6.37
CA GLY A 367 -13.10 -11.04 7.14
C GLY A 367 -14.09 -9.97 7.57
N GLN A 368 -15.29 -10.38 7.97
CA GLN A 368 -16.32 -9.45 8.46
C GLN A 368 -15.77 -8.61 9.62
N ASP A 369 -15.89 -7.29 9.50
CA ASP A 369 -15.38 -6.32 10.47
C ASP A 369 -13.88 -6.50 10.81
N ARG A 370 -13.12 -7.03 9.85
CA ARG A 370 -11.68 -7.28 10.02
C ARG A 370 -11.40 -8.29 11.14
N SER A 371 -12.26 -9.30 11.21
CA SER A 371 -12.22 -10.34 12.22
C SER A 371 -11.27 -11.50 11.89
N ARG A 372 -10.70 -11.52 10.68
CA ARG A 372 -9.82 -12.61 10.29
C ARG A 372 -8.66 -12.80 11.28
N ILE A 373 -8.43 -14.06 11.65
CA ILE A 373 -7.36 -14.42 12.57
C ILE A 373 -6.03 -14.13 11.91
N LEU A 374 -5.13 -13.48 12.64
CA LEU A 374 -3.82 -13.15 12.12
C LEU A 374 -2.88 -14.35 12.18
N GLU A 375 -2.02 -14.45 11.17
CA GLU A 375 -1.04 -15.51 11.04
C GLU A 375 0.31 -14.90 10.67
N PRO A 376 1.42 -15.62 10.94
CA PRO A 376 2.75 -15.11 10.56
C PRO A 376 2.85 -14.79 9.06
N GLY A 377 3.50 -13.67 8.73
CA GLY A 377 3.66 -13.24 7.33
C GLY A 377 2.72 -12.14 6.87
N MET A 378 1.63 -11.94 7.60
CA MET A 378 0.73 -10.82 7.33
C MET A 378 1.41 -9.54 7.78
N VAL A 379 1.29 -8.50 6.95
CA VAL A 379 1.88 -7.19 7.22
C VAL A 379 0.76 -6.15 7.27
N LEU A 380 0.78 -5.32 8.30
CA LEU A 380 -0.31 -4.38 8.53
C LEU A 380 0.15 -3.14 9.27
N THR A 381 -0.70 -2.11 9.22
CA THR A 381 -0.45 -0.88 9.92
C THR A 381 -1.12 -0.92 11.28
N VAL A 382 -0.66 -0.04 12.17
CA VAL A 382 -1.27 0.15 13.47
C VAL A 382 -1.33 1.65 13.65
N GLU A 383 -2.52 2.21 13.52
CA GLU A 383 -2.68 3.67 13.44
C GLU A 383 -3.90 4.22 14.17
N PRO A 384 -3.88 4.14 15.51
CA PRO A 384 -4.93 4.85 16.25
C PRO A 384 -4.83 6.38 16.06
N GLY A 385 -5.95 7.06 16.23
CA GLY A 385 -5.96 8.50 16.15
C GLY A 385 -7.16 9.09 16.86
N LEU A 386 -7.02 10.36 17.21
CA LEU A 386 -8.13 11.13 17.76
C LEU A 386 -8.19 12.47 17.06
N TYR A 387 -9.39 12.82 16.59
CA TYR A 387 -9.60 14.01 15.79
C TYR A 387 -10.77 14.78 16.39
N ILE A 388 -10.46 15.88 17.08
CA ILE A 388 -11.47 16.70 17.74
C ILE A 388 -11.76 17.89 16.85
N ALA A 389 -12.97 17.91 16.29
CA ALA A 389 -13.37 18.96 15.35
C ALA A 389 -13.29 20.34 16.01
N PRO A 390 -12.89 21.36 15.22
CA PRO A 390 -12.88 22.76 15.65
C PRO A 390 -14.15 23.21 16.35
N ASP A 391 -15.29 22.62 15.97
CA ASP A 391 -16.61 22.96 16.51
C ASP A 391 -17.21 21.86 17.39
N ALA A 392 -16.38 20.95 17.89
CA ALA A 392 -16.88 19.92 18.81
C ALA A 392 -17.36 20.56 20.10
N GLU A 393 -18.42 20.00 20.67
CA GLU A 393 -18.96 20.48 21.93
C GLU A 393 -18.21 19.82 23.09
N VAL A 394 -16.98 20.27 23.28
CA VAL A 394 -16.03 19.71 24.24
C VAL A 394 -15.24 20.89 24.80
N PRO A 395 -14.48 20.68 25.88
CA PRO A 395 -13.67 21.80 26.40
C PRO A 395 -12.78 22.45 25.33
N GLU A 396 -12.72 23.78 25.36
CA GLU A 396 -12.14 24.59 24.28
C GLU A 396 -10.75 24.10 23.85
N GLN A 397 -9.91 23.74 24.82
CA GLN A 397 -8.51 23.39 24.62
C GLN A 397 -8.28 22.16 23.71
N TYR A 398 -9.27 21.30 23.58
CA TYR A 398 -9.15 20.11 22.71
C TYR A 398 -9.65 20.32 21.26
N ARG A 399 -10.39 21.39 21.01
CA ARG A 399 -10.94 21.66 19.70
C ARG A 399 -9.86 21.92 18.64
N GLY A 400 -10.04 21.32 17.47
CA GLY A 400 -9.11 21.46 16.35
C GLY A 400 -7.83 20.65 16.46
N ILE A 401 -7.81 19.66 17.35
CA ILE A 401 -6.67 18.77 17.51
C ILE A 401 -6.89 17.46 16.74
N GLY A 402 -5.96 17.17 15.83
CA GLY A 402 -5.90 15.91 15.13
C GLY A 402 -4.55 15.25 15.37
N ILE A 403 -4.58 14.05 15.93
CA ILE A 403 -3.39 13.29 16.22
C ILE A 403 -3.59 11.85 15.72
N ARG A 404 -2.64 11.37 14.92
CA ARG A 404 -2.51 9.96 14.55
C ARG A 404 -1.06 9.56 14.76
N ILE A 405 -0.85 8.34 15.23
CA ILE A 405 0.49 7.76 15.33
C ILE A 405 0.39 6.37 14.70
N GLU A 406 1.17 6.15 13.64
CA GLU A 406 1.08 4.95 12.83
C GLU A 406 2.42 4.26 12.62
N ASP A 407 2.47 2.97 12.99
CA ASP A 407 3.59 2.09 12.71
C ASP A 407 3.19 0.96 11.73
N ASP A 408 4.22 0.34 11.13
CA ASP A 408 4.03 -0.81 10.23
C ASP A 408 4.64 -2.04 10.87
N ILE A 409 3.88 -3.13 10.90
CA ILE A 409 4.33 -4.35 11.55
C ILE A 409 4.16 -5.59 10.68
N VAL A 410 4.98 -6.61 10.95
CA VAL A 410 4.80 -7.91 10.35
C VAL A 410 4.57 -8.93 11.47
N ILE A 411 3.51 -9.71 11.31
CA ILE A 411 3.16 -10.76 12.26
C ILE A 411 4.23 -11.85 12.19
N THR A 412 4.76 -12.23 13.34
CA THR A 412 5.80 -13.25 13.43
C THR A 412 5.21 -14.48 14.14
N GLU A 413 6.01 -15.53 14.27
CA GLU A 413 5.59 -16.75 14.97
C GLU A 413 5.12 -16.51 16.40
N THR A 414 5.76 -15.55 17.08
CA THR A 414 5.48 -15.29 18.49
C THR A 414 4.85 -13.92 18.77
N GLY A 415 4.82 -13.04 17.80
CA GLY A 415 4.18 -11.74 17.98
C GLY A 415 4.16 -10.91 16.71
N ASN A 416 4.92 -9.81 16.74
CA ASN A 416 5.13 -9.00 15.56
C ASN A 416 6.50 -8.32 15.58
N GLU A 417 7.00 -7.96 14.40
CA GLU A 417 8.17 -7.10 14.29
C GLU A 417 7.73 -5.73 13.81
N ASN A 418 8.14 -4.70 14.55
CA ASN A 418 7.86 -3.31 14.19
C ASN A 418 8.92 -2.79 13.22
N LEU A 419 8.48 -2.40 12.02
CA LEU A 419 9.38 -1.97 10.96
C LEU A 419 9.70 -0.47 10.99
N THR A 420 8.95 0.29 11.80
CA THR A 420 8.99 1.75 11.75
C THR A 420 9.30 2.41 13.11
N ALA A 421 9.87 1.63 14.03
CA ALA A 421 10.18 2.11 15.37
C ALA A 421 11.46 2.94 15.45
N SER A 422 12.23 3.00 14.35
CA SER A 422 13.43 3.84 14.29
C SER A 422 13.11 5.35 14.20
N VAL A 423 11.85 5.72 14.04
CA VAL A 423 11.43 7.10 14.27
C VAL A 423 10.64 7.20 15.59
N VAL A 424 11.03 8.17 16.43
CA VAL A 424 10.50 8.28 17.79
C VAL A 424 9.01 8.58 17.83
N LYS A 425 8.35 8.18 18.91
CA LYS A 425 6.93 8.51 19.13
C LYS A 425 6.57 8.92 20.56
N LYS A 426 7.40 8.57 21.54
CA LYS A 426 7.21 9.05 22.91
C LYS A 426 7.44 10.56 22.93
N PRO A 427 6.54 11.31 23.56
CA PRO A 427 6.56 12.77 23.46
C PRO A 427 7.86 13.40 23.96
N GLU A 428 8.42 12.86 25.04
CA GLU A 428 9.70 13.36 25.56
C GLU A 428 10.85 13.12 24.58
N GLU A 429 10.78 12.05 23.80
CA GLU A 429 11.80 11.74 22.79
C GLU A 429 11.64 12.62 21.55
N ILE A 430 10.40 12.91 21.19
CA ILE A 430 10.09 13.87 20.13
C ILE A 430 10.65 15.25 20.49
N GLU A 431 10.38 15.70 21.70
CA GLU A 431 10.85 17.01 22.14
C GLU A 431 12.36 17.10 22.18
N ALA A 432 13.02 16.03 22.65
CA ALA A 432 14.47 15.98 22.73
C ALA A 432 15.11 16.07 21.34
N LEU A 433 14.54 15.31 20.41
CA LEU A 433 14.99 15.31 19.03
C LEU A 433 14.91 16.71 18.42
N MET A 434 13.79 17.38 18.62
CA MET A 434 13.56 18.71 18.04
C MET A 434 14.48 19.75 18.68
N VAL A 435 14.64 19.69 19.99
CA VAL A 435 15.60 20.53 20.74
C VAL A 435 17.03 20.38 20.21
N ALA A 436 17.45 19.13 20.01
CA ALA A 436 18.80 18.83 19.51
C ALA A 436 19.03 19.37 18.10
N ALA A 437 17.98 19.35 17.27
CA ALA A 437 18.04 19.86 15.91
C ALA A 437 18.12 21.38 15.86
N ARG A 438 17.37 22.04 16.75
CA ARG A 438 17.32 23.49 16.81
C ARG A 438 18.65 24.10 17.31
N LYS A 439 19.41 23.33 18.10
CA LYS A 439 20.76 23.74 18.54
C LYS A 439 21.81 23.54 17.43
N GLN A 440 21.66 22.48 16.63
CA GLN A 440 22.61 22.18 15.55
N PRO B . -5.21 6.37 6.54
CA PRO B . -6.12 5.41 7.17
C PRO B . -7.06 4.70 6.20
O PRO B . -7.23 5.13 5.05
CB PRO B . -6.93 6.29 8.12
CG PRO B . -6.10 7.48 8.37
CD PRO B . -5.34 7.71 7.13
N LEU C . -7.65 3.61 6.67
CA LEU C . -8.70 2.86 5.97
C LEU C . -9.86 2.63 6.93
O LEU C . -11.04 2.68 6.57
CB LEU C . -8.17 1.52 5.45
CG LEU C . -9.11 0.64 4.60
CD1 LEU C . -9.42 1.27 3.25
CD2 LEU C . -8.52 -0.74 4.39
OXT LEU C . -9.64 2.37 8.12
MN MN D . -2.08 3.44 7.02
MN MN E . -0.75 6.28 6.86
MG MG F . -6.71 25.27 20.37
CAC FLC G . 22.61 5.47 3.35
CA FLC G . 22.66 6.76 4.20
CB FLC G . 22.63 6.67 5.75
CBC FLC G . 24.01 6.99 6.41
CG FLC G . 22.20 5.29 6.36
CGC FLC G . 20.96 4.52 5.83
OA1 FLC G . 21.73 5.39 2.45
OA2 FLC G . 23.46 4.58 3.62
OB1 FLC G . 24.15 6.67 7.62
OB2 FLC G . 24.90 7.54 5.72
OG1 FLC G . 20.36 3.75 6.61
OG2 FLC G . 20.64 4.66 4.64
OHB FLC G . 21.74 7.71 6.19
ZN ZN H . -5.11 5.92 4.08
#